data_4IV0
#
_entry.id   4IV0
#
_cell.length_a   38.170
_cell.length_b   86.870
_cell.length_c   79.580
_cell.angle_alpha   90.000
_cell.angle_beta   101.050
_cell.angle_gamma   90.000
#
_symmetry.space_group_name_H-M   'P 1 21 1'
#
loop_
_entity.id
_entity.type
_entity.pdbx_description
1 polymer 'Phosphoethanolamine N-methyltransferase, putative'
2 non-polymer 'PHOSPHATE ION'
3 non-polymer S-ADENOSYLMETHIONINE
4 non-polymer BETA-MERCAPTOETHANOL
5 non-polymer 1,2-ETHANEDIOL
6 water water
#
_entity_poly.entity_id   1
_entity_poly.type   'polypeptide(L)'
_entity_poly.pdbx_seq_one_letter_code
;MGSSHHHHHHSSGLVPRGSHMISEPVDIKYLENNQYSDEGIKAYEFIFGEDYISSGGIIATTKILSDIQLDANSKVLDIG
SGLGGGCKYINEKYGAHVHGVDICEKMVTIAKLRNQDKAKIEFEAKDILKKDFPESTFDMIYSRDSILHLSYADKKMLFE
KCYKWLKPNGILLITDYCADKIENWDEEFKAYIKKRKYTLMPIQEYGDLIKSCKFQNVEAKDISDYWLELLQLELSKLEE
KKEEFLKVYSIKEYNSLKDGWTRKIKDTKRDLQKWGYFKAQKMI
;
_entity_poly.pdbx_strand_id   A,B
#
loop_
_chem_comp.id
_chem_comp.type
_chem_comp.name
_chem_comp.formula
BME non-polymer BETA-MERCAPTOETHANOL 'C2 H6 O S'
EDO non-polymer 1,2-ETHANEDIOL 'C2 H6 O2'
PO4 non-polymer 'PHOSPHATE ION' 'O4 P -3'
SAM non-polymer S-ADENOSYLMETHIONINE 'C15 H22 N6 O5 S'
#
# COMPACT_ATOMS: atom_id res chain seq x y z
N ILE A 22 -11.60 13.85 -28.76
CA ILE A 22 -10.53 14.61 -28.10
C ILE A 22 -10.90 16.10 -28.03
N SER A 23 -10.77 16.68 -26.84
CA SER A 23 -11.04 18.11 -26.65
C SER A 23 -9.89 18.99 -27.16
N GLU A 24 -8.68 18.74 -26.67
CA GLU A 24 -7.52 19.54 -27.03
C GLU A 24 -6.36 18.65 -27.41
N PRO A 25 -6.17 18.41 -28.73
CA PRO A 25 -5.04 17.58 -29.14
C PRO A 25 -3.70 18.12 -28.66
N VAL A 26 -2.84 17.23 -28.20
CA VAL A 26 -1.48 17.58 -27.82
C VAL A 26 -0.74 18.11 -29.03
N ASP A 27 -0.05 19.23 -28.87
CA ASP A 27 0.69 19.87 -29.96
C ASP A 27 2.01 19.14 -30.13
N ILE A 28 1.99 18.07 -30.93
CA ILE A 28 3.17 17.21 -31.09
C ILE A 28 4.39 17.96 -31.60
N LYS A 29 4.21 18.77 -32.64
CA LYS A 29 5.34 19.47 -33.21
C LYS A 29 5.95 20.49 -32.24
N TYR A 30 5.10 21.16 -31.47
CA TYR A 30 5.58 22.07 -30.45
C TYR A 30 6.42 21.33 -29.42
N LEU A 31 5.92 20.19 -28.97
CA LEU A 31 6.65 19.39 -27.99
C LEU A 31 8.00 18.95 -28.53
N GLU A 32 8.05 18.49 -29.77
CA GLU A 32 9.28 17.97 -30.37
C GLU A 32 10.30 19.08 -30.58
N ASN A 33 9.83 20.31 -30.74
CA ASN A 33 10.68 21.45 -31.02
C ASN A 33 11.18 22.14 -29.76
N ASN A 34 10.55 21.83 -28.63
CA ASN A 34 10.83 22.53 -27.39
C ASN A 34 11.23 21.58 -26.27
N GLN A 35 10.28 21.17 -25.44
CA GLN A 35 10.64 20.39 -24.26
C GLN A 35 11.32 19.08 -24.63
N TYR A 36 10.86 18.49 -25.73
CA TYR A 36 11.36 17.19 -26.16
C TYR A 36 12.14 17.28 -27.45
N SER A 37 12.92 18.35 -27.60
CA SER A 37 13.94 18.38 -28.62
C SER A 37 14.94 17.25 -28.34
N ASP A 38 15.69 16.85 -29.37
CA ASP A 38 16.68 15.79 -29.16
C ASP A 38 17.66 16.18 -28.04
N GLU A 39 18.11 17.44 -28.07
CA GLU A 39 19.03 17.93 -27.07
C GLU A 39 18.38 17.96 -25.68
N GLY A 40 17.11 18.36 -25.64
CA GLY A 40 16.38 18.42 -24.38
C GLY A 40 16.21 17.05 -23.77
N ILE A 41 15.89 16.06 -24.60
CA ILE A 41 15.74 14.70 -24.12
C ILE A 41 17.06 14.19 -23.54
N LYS A 42 18.16 14.42 -24.24
CA LYS A 42 19.44 13.94 -23.76
C LYS A 42 19.83 14.64 -22.45
N ALA A 43 19.48 15.92 -22.33
CA ALA A 43 19.78 16.65 -21.10
C ALA A 43 18.98 16.06 -19.93
N TYR A 44 17.72 15.71 -20.18
CA TYR A 44 16.92 15.07 -19.14
C TYR A 44 17.54 13.74 -18.72
N GLU A 45 18.03 12.95 -19.68
CA GLU A 45 18.67 11.69 -19.32
C GLU A 45 19.93 11.91 -18.47
N PHE A 46 20.63 13.00 -18.71
CA PHE A 46 21.81 13.28 -17.92
C PHE A 46 21.41 13.51 -16.47
N ILE A 47 20.38 14.31 -16.26
CA ILE A 47 20.02 14.70 -14.89
C ILE A 47 19.22 13.63 -14.14
N PHE A 48 18.45 12.83 -14.87
CA PHE A 48 17.59 11.81 -14.24
C PHE A 48 18.20 10.42 -14.30
N GLY A 49 19.15 10.21 -15.20
CA GLY A 49 19.71 8.89 -15.45
C GLY A 49 19.21 8.29 -16.75
N GLU A 50 19.97 7.35 -17.29
CA GLU A 50 19.66 6.71 -18.57
C GLU A 50 18.25 6.15 -18.61
N ASP A 51 17.57 6.37 -19.73
CA ASP A 51 16.24 5.81 -20.03
C ASP A 51 15.07 6.56 -19.37
N TYR A 52 15.37 7.59 -18.59
CA TYR A 52 14.33 8.34 -17.87
C TYR A 52 14.34 9.82 -18.23
N ILE A 53 13.15 10.38 -18.39
CA ILE A 53 13.00 11.81 -18.58
C ILE A 53 11.98 12.42 -17.64
N SER A 54 11.81 11.81 -16.46
CA SER A 54 10.96 12.41 -15.44
C SER A 54 11.52 12.20 -14.05
N SER A 55 10.92 12.93 -13.11
CA SER A 55 11.31 13.04 -11.71
C SER A 55 11.90 11.77 -11.12
N GLY A 56 13.14 11.85 -10.64
CA GLY A 56 13.69 10.77 -9.85
C GLY A 56 14.23 9.57 -10.59
N GLY A 57 14.04 9.51 -11.90
CA GLY A 57 14.52 8.38 -12.69
C GLY A 57 14.25 7.01 -12.06
N ILE A 58 15.26 6.14 -12.05
CA ILE A 58 15.07 4.81 -11.47
C ILE A 58 14.85 4.84 -9.95
N ILE A 59 15.39 5.85 -9.28
CA ILE A 59 15.23 5.98 -7.84
C ILE A 59 13.76 6.12 -7.46
N ALA A 60 13.07 7.07 -8.08
CA ALA A 60 11.65 7.24 -7.79
C ALA A 60 10.84 6.04 -8.27
N THR A 61 11.22 5.46 -9.39
CA THR A 61 10.50 4.31 -9.92
C THR A 61 10.54 3.15 -8.92
N THR A 62 11.70 2.92 -8.32
CA THR A 62 11.84 1.88 -7.31
C THR A 62 10.89 2.14 -6.13
N LYS A 63 10.82 3.40 -5.70
CA LYS A 63 9.95 3.76 -4.59
C LYS A 63 8.45 3.64 -4.95
N ILE A 64 8.08 4.16 -6.10
CA ILE A 64 6.69 4.19 -6.55
C ILE A 64 6.13 2.78 -6.68
N LEU A 65 6.97 1.83 -7.05
CA LEU A 65 6.53 0.46 -7.28
C LEU A 65 6.80 -0.46 -6.09
N SER A 66 7.23 0.11 -4.98
CA SER A 66 7.66 -0.71 -3.86
C SER A 66 6.53 -1.57 -3.26
N ASP A 67 5.28 -1.10 -3.35
CA ASP A 67 4.14 -1.87 -2.82
C ASP A 67 3.40 -2.68 -3.87
N ILE A 68 3.79 -2.56 -5.13
CA ILE A 68 3.09 -3.22 -6.23
C ILE A 68 3.53 -4.66 -6.36
N GLN A 69 2.57 -5.57 -6.53
CA GLN A 69 2.86 -6.98 -6.76
C GLN A 69 2.27 -7.40 -8.11
N LEU A 70 3.12 -7.99 -8.94
CA LEU A 70 2.78 -8.45 -10.28
C LEU A 70 3.64 -9.68 -10.53
N ASP A 71 3.32 -10.44 -11.58
CA ASP A 71 4.13 -11.61 -11.92
C ASP A 71 4.33 -11.71 -13.41
N ALA A 72 4.92 -12.81 -13.86
CA ALA A 72 5.32 -12.94 -15.25
C ALA A 72 4.13 -13.04 -16.19
N ASN A 73 2.96 -13.36 -15.63
CA ASN A 73 1.75 -13.43 -16.44
C ASN A 73 0.92 -12.14 -16.43
N SER A 74 1.37 -11.14 -15.70
CA SER A 74 0.65 -9.87 -15.64
C SER A 74 0.84 -9.07 -16.92
N LYS A 75 -0.11 -8.17 -17.20
CA LYS A 75 0.04 -7.25 -18.31
C LYS A 75 -0.11 -5.81 -17.84
N VAL A 76 0.84 -4.97 -18.22
CA VAL A 76 0.93 -3.59 -17.74
C VAL A 76 0.96 -2.62 -18.93
N LEU A 77 0.21 -1.54 -18.80
CA LEU A 77 0.26 -0.43 -19.74
C LEU A 77 1.02 0.73 -19.11
N ASP A 78 2.00 1.28 -19.83
CA ASP A 78 2.66 2.52 -19.43
C ASP A 78 2.21 3.64 -20.37
N ILE A 79 1.47 4.61 -19.84
CA ILE A 79 0.99 5.74 -20.62
C ILE A 79 2.02 6.86 -20.57
N GLY A 80 2.65 7.12 -21.71
CA GLY A 80 3.72 8.10 -21.79
C GLY A 80 5.06 7.44 -21.57
N SER A 81 5.31 6.35 -22.27
CA SER A 81 6.44 5.49 -21.96
C SER A 81 7.83 6.07 -22.25
N GLY A 82 7.89 7.17 -23.00
CA GLY A 82 9.15 7.88 -23.17
C GLY A 82 10.25 7.03 -23.80
N LEU A 83 11.41 7.01 -23.16
CA LEU A 83 12.54 6.22 -23.65
C LEU A 83 12.52 4.78 -23.14
N GLY A 84 11.52 4.44 -22.32
CA GLY A 84 11.31 3.05 -21.95
C GLY A 84 11.83 2.59 -20.61
N GLY A 85 12.46 3.46 -19.84
CA GLY A 85 12.98 3.10 -18.54
C GLY A 85 11.99 2.40 -17.62
N GLY A 86 10.79 2.96 -17.51
CA GLY A 86 9.77 2.38 -16.63
C GLY A 86 9.34 0.99 -17.08
N CYS A 87 9.14 0.82 -18.37
CA CYS A 87 8.77 -0.49 -18.92
C CYS A 87 9.89 -1.51 -18.68
N LYS A 88 11.13 -1.11 -18.91
CA LYS A 88 12.26 -1.99 -18.67
C LYS A 88 12.27 -2.41 -17.20
N TYR A 89 12.07 -1.44 -16.31
CA TYR A 89 12.09 -1.72 -14.88
C TYR A 89 10.97 -2.68 -14.47
N ILE A 90 9.76 -2.39 -14.93
CA ILE A 90 8.63 -3.24 -14.56
C ILE A 90 8.84 -4.67 -15.09
N ASN A 91 9.29 -4.80 -16.33
CA ASN A 91 9.56 -6.13 -16.85
C ASN A 91 10.71 -6.84 -16.11
N GLU A 92 11.74 -6.09 -15.75
CA GLU A 92 12.86 -6.68 -15.02
C GLU A 92 12.45 -7.16 -13.63
N LYS A 93 11.73 -6.31 -12.91
CA LYS A 93 11.35 -6.62 -11.54
C LYS A 93 10.34 -7.77 -11.45
N TYR A 94 9.35 -7.78 -12.33
CA TYR A 94 8.22 -8.70 -12.20
C TYR A 94 8.16 -9.76 -13.29
N GLY A 95 8.86 -9.53 -14.39
CA GLY A 95 8.78 -10.43 -15.54
C GLY A 95 7.50 -10.24 -16.35
N ALA A 96 6.75 -9.17 -16.05
CA ALA A 96 5.44 -8.91 -16.66
C ALA A 96 5.53 -8.56 -18.15
N HIS A 97 4.44 -8.83 -18.86
CA HIS A 97 4.24 -8.28 -20.20
C HIS A 97 3.97 -6.80 -20.01
N VAL A 98 4.70 -5.97 -20.74
N VAL A 98 4.68 -5.98 -20.78
CA VAL A 98 4.51 -4.53 -20.66
CA VAL A 98 4.55 -4.54 -20.66
C VAL A 98 4.30 -3.92 -22.04
C VAL A 98 4.31 -3.91 -22.03
N HIS A 99 3.37 -2.99 -22.12
CA HIS A 99 3.05 -2.30 -23.35
C HIS A 99 3.16 -0.82 -23.06
N GLY A 100 4.12 -0.15 -23.68
CA GLY A 100 4.29 1.28 -23.49
C GLY A 100 3.73 2.04 -24.69
N VAL A 101 2.99 3.10 -24.42
CA VAL A 101 2.44 3.96 -25.46
C VAL A 101 3.00 5.37 -25.27
N ASP A 102 3.51 5.97 -26.34
CA ASP A 102 3.94 7.36 -26.28
C ASP A 102 3.62 8.04 -27.59
N ILE A 103 3.17 9.29 -27.50
CA ILE A 103 2.77 10.05 -28.68
C ILE A 103 3.98 10.43 -29.54
N CYS A 104 5.16 10.37 -28.96
CA CYS A 104 6.37 10.85 -29.62
C CYS A 104 7.11 9.72 -30.31
N GLU A 105 7.01 9.64 -31.64
CA GLU A 105 7.59 8.51 -32.35
C GLU A 105 9.09 8.36 -32.22
N LYS A 106 9.81 9.48 -32.20
CA LYS A 106 11.27 9.39 -32.09
C LYS A 106 11.70 8.74 -30.77
N MET A 107 10.92 8.95 -29.72
N MET A 107 10.93 8.93 -29.71
CA MET A 107 11.19 8.32 -28.42
CA MET A 107 11.30 8.30 -28.44
C MET A 107 10.94 6.83 -28.49
C MET A 107 10.91 6.81 -28.42
N VAL A 108 9.79 6.47 -29.05
CA VAL A 108 9.40 5.07 -29.20
C VAL A 108 10.46 4.31 -29.99
N THR A 109 10.99 4.96 -31.02
CA THR A 109 12.05 4.36 -31.83
C THR A 109 13.29 4.06 -30.99
N ILE A 110 13.67 5.01 -30.14
CA ILE A 110 14.79 4.80 -29.22
C ILE A 110 14.49 3.70 -28.21
N ALA A 111 13.27 3.73 -27.66
CA ALA A 111 12.87 2.71 -26.69
C ALA A 111 12.98 1.30 -27.28
N LYS A 112 12.51 1.15 -28.51
CA LYS A 112 12.59 -0.13 -29.23
C LYS A 112 14.05 -0.54 -29.41
N LEU A 113 14.86 0.38 -29.91
CA LEU A 113 16.28 0.11 -30.15
C LEU A 113 17.05 -0.31 -28.89
N ARG A 114 16.68 0.25 -27.74
CA ARG A 114 17.37 -0.05 -26.48
C ARG A 114 16.84 -1.30 -25.77
N ASN A 115 15.76 -1.87 -26.28
CA ASN A 115 15.16 -3.02 -25.62
C ASN A 115 14.85 -4.17 -26.58
N GLN A 116 15.71 -4.35 -27.58
CA GLN A 116 15.55 -5.42 -28.57
C GLN A 116 15.64 -6.81 -27.95
N ASP A 117 16.22 -6.90 -26.77
CA ASP A 117 16.43 -8.17 -26.09
C ASP A 117 15.19 -8.69 -25.37
N LYS A 118 14.18 -7.84 -25.24
CA LYS A 118 13.05 -8.13 -24.37
C LYS A 118 11.74 -8.46 -25.08
N ALA A 119 11.46 -9.76 -25.23
CA ALA A 119 10.29 -10.22 -25.97
C ALA A 119 8.95 -9.82 -25.35
N LYS A 120 8.96 -9.51 -24.05
N LYS A 120 8.96 -9.50 -24.06
CA LYS A 120 7.74 -9.18 -23.32
CA LYS A 120 7.72 -9.18 -23.36
C LYS A 120 7.50 -7.68 -23.20
C LYS A 120 7.51 -7.68 -23.19
N ILE A 121 8.34 -6.88 -23.85
CA ILE A 121 8.18 -5.43 -23.84
C ILE A 121 7.83 -4.95 -25.23
N GLU A 122 6.70 -4.27 -25.36
CA GLU A 122 6.34 -3.65 -26.64
C GLU A 122 6.16 -2.14 -26.44
N PHE A 123 6.63 -1.36 -27.40
CA PHE A 123 6.41 0.07 -27.43
C PHE A 123 5.63 0.44 -28.67
N GLU A 124 4.75 1.42 -28.55
CA GLU A 124 3.87 1.84 -29.62
C GLU A 124 3.81 3.36 -29.66
N ALA A 125 4.00 3.93 -30.84
CA ALA A 125 3.88 5.36 -31.03
C ALA A 125 2.44 5.72 -31.39
N LYS A 126 1.73 6.29 -30.42
CA LYS A 126 0.35 6.72 -30.64
C LYS A 126 -0.08 7.64 -29.51
N ASP A 127 -0.99 8.55 -29.83
CA ASP A 127 -1.68 9.35 -28.82
C ASP A 127 -2.53 8.37 -28.01
N ILE A 128 -2.34 8.34 -26.69
CA ILE A 128 -3.13 7.42 -25.87
C ILE A 128 -4.63 7.65 -26.04
N LEU A 129 -5.02 8.88 -26.32
CA LEU A 129 -6.43 9.22 -26.51
C LEU A 129 -7.01 8.59 -27.77
N LYS A 130 -6.14 8.12 -28.66
CA LYS A 130 -6.59 7.46 -29.88
C LYS A 130 -6.44 5.96 -29.79
N LYS A 131 -6.00 5.47 -28.63
CA LYS A 131 -5.87 4.05 -28.43
C LYS A 131 -7.17 3.49 -27.94
N ASP A 132 -7.48 2.29 -28.43
CA ASP A 132 -8.54 1.52 -27.83
C ASP A 132 -7.98 0.16 -27.46
N PHE A 133 -8.29 -0.27 -26.26
CA PHE A 133 -7.92 -1.59 -25.80
C PHE A 133 -9.20 -2.24 -25.37
N PRO A 134 -9.25 -3.58 -25.47
CA PRO A 134 -10.45 -4.26 -25.00
C PRO A 134 -10.65 -4.09 -23.50
N GLU A 135 -11.90 -4.24 -23.05
CA GLU A 135 -12.21 -4.33 -21.64
C GLU A 135 -11.34 -5.39 -20.98
N SER A 136 -10.85 -5.09 -19.78
CA SER A 136 -10.15 -6.08 -18.95
C SER A 136 -8.85 -6.58 -19.58
N THR A 137 -8.07 -5.67 -20.13
CA THR A 137 -6.78 -6.01 -20.74
C THR A 137 -5.64 -6.00 -19.73
N PHE A 138 -5.63 -5.02 -18.83
CA PHE A 138 -4.45 -4.77 -18.00
C PHE A 138 -4.60 -5.03 -16.52
N ASP A 139 -3.58 -5.63 -15.93
CA ASP A 139 -3.49 -5.74 -14.49
C ASP A 139 -3.14 -4.41 -13.84
N MET A 140 -2.36 -3.60 -14.53
CA MET A 140 -2.00 -2.28 -14.01
C MET A 140 -1.86 -1.33 -15.17
N ILE A 141 -2.32 -0.10 -14.95
CA ILE A 141 -2.03 1.02 -15.84
C ILE A 141 -1.20 2.00 -15.03
N TYR A 142 -0.06 2.39 -15.62
CA TYR A 142 1.00 3.09 -14.93
C TYR A 142 1.32 4.32 -15.76
N SER A 143 1.51 5.47 -15.10
CA SER A 143 1.85 6.68 -15.84
C SER A 143 2.66 7.62 -14.95
N ARG A 144 3.77 8.11 -15.49
CA ARG A 144 4.69 8.95 -14.75
C ARG A 144 4.87 10.30 -15.42
N ASP A 145 4.36 11.35 -14.78
CA ASP A 145 4.52 12.73 -15.25
C ASP A 145 4.25 12.90 -16.76
N SER A 146 3.12 12.35 -17.21
CA SER A 146 2.75 12.39 -18.63
C SER A 146 1.36 12.99 -18.85
N ILE A 147 0.46 12.76 -17.91
CA ILE A 147 -0.94 13.18 -18.06
C ILE A 147 -1.07 14.71 -17.95
N LEU A 148 -0.03 15.35 -17.41
CA LEU A 148 0.04 16.81 -17.41
C LEU A 148 -0.05 17.46 -18.81
N HIS A 149 0.18 16.66 -19.85
CA HIS A 149 0.08 17.20 -21.21
C HIS A 149 -1.34 17.28 -21.73
N LEU A 150 -2.27 16.64 -21.02
CA LEU A 150 -3.67 16.58 -21.46
C LEU A 150 -4.52 17.65 -20.80
N SER A 151 -5.47 18.20 -21.55
CA SER A 151 -6.45 19.13 -20.99
C SER A 151 -7.32 18.41 -19.96
N TYR A 152 -8.01 19.17 -19.11
CA TYR A 152 -8.90 18.60 -18.11
C TYR A 152 -9.90 17.61 -18.72
N ALA A 153 -10.62 18.05 -19.74
CA ALA A 153 -11.59 17.18 -20.41
C ALA A 153 -10.94 15.90 -20.94
N ASP A 154 -9.73 16.01 -21.48
CA ASP A 154 -9.02 14.86 -22.01
C ASP A 154 -8.51 13.93 -20.89
N LYS A 155 -8.12 14.50 -19.75
CA LYS A 155 -7.80 13.66 -18.60
C LYS A 155 -8.99 12.81 -18.20
N LYS A 156 -10.17 13.43 -18.14
CA LYS A 156 -11.37 12.70 -17.77
C LYS A 156 -11.67 11.58 -18.76
N MET A 157 -11.58 11.88 -20.05
CA MET A 157 -11.79 10.86 -21.06
C MET A 157 -10.78 9.73 -20.91
N LEU A 158 -9.53 10.09 -20.62
CA LEU A 158 -8.51 9.06 -20.44
C LEU A 158 -8.82 8.18 -19.24
N PHE A 159 -9.23 8.78 -18.14
CA PHE A 159 -9.50 7.96 -16.95
C PHE A 159 -10.68 7.02 -17.16
N GLU A 160 -11.67 7.45 -17.93
CA GLU A 160 -12.80 6.58 -18.23
C GLU A 160 -12.34 5.41 -19.08
N LYS A 161 -11.43 5.66 -20.03
CA LYS A 161 -10.86 4.57 -20.80
C LYS A 161 -10.06 3.61 -19.93
N CYS A 162 -9.25 4.18 -19.04
CA CYS A 162 -8.44 3.36 -18.14
C CYS A 162 -9.32 2.44 -17.30
N TYR A 163 -10.44 2.96 -16.82
CA TYR A 163 -11.37 2.14 -16.04
C TYR A 163 -11.81 0.93 -16.87
N LYS A 164 -12.18 1.15 -18.13
CA LYS A 164 -12.58 0.04 -18.99
C LYS A 164 -11.44 -0.96 -19.22
N TRP A 165 -10.24 -0.43 -19.51
CA TRP A 165 -9.10 -1.25 -19.89
C TRP A 165 -8.56 -2.13 -18.76
N LEU A 166 -8.79 -1.74 -17.52
CA LEU A 166 -8.32 -2.54 -16.39
C LEU A 166 -9.14 -3.81 -16.20
N LYS A 167 -8.45 -4.87 -15.78
CA LYS A 167 -9.10 -6.08 -15.28
C LYS A 167 -9.77 -5.78 -13.94
N PRO A 168 -10.78 -6.59 -13.57
CA PRO A 168 -11.32 -6.46 -12.22
C PRO A 168 -10.18 -6.57 -11.19
N ASN A 169 -10.21 -5.71 -10.18
CA ASN A 169 -9.16 -5.59 -9.18
C ASN A 169 -7.88 -4.93 -9.69
N GLY A 170 -7.86 -4.54 -10.96
CA GLY A 170 -6.68 -3.92 -11.55
C GLY A 170 -6.39 -2.55 -10.95
N ILE A 171 -5.14 -2.12 -11.09
CA ILE A 171 -4.64 -0.94 -10.42
C ILE A 171 -4.25 0.14 -11.41
N LEU A 172 -4.65 1.37 -11.11
CA LEU A 172 -4.16 2.57 -11.76
C LEU A 172 -3.15 3.25 -10.83
N LEU A 173 -1.95 3.52 -11.34
CA LEU A 173 -0.87 4.08 -10.53
C LEU A 173 -0.22 5.23 -11.32
N ILE A 174 -0.31 6.44 -10.76
CA ILE A 174 0.10 7.65 -11.48
C ILE A 174 0.95 8.55 -10.60
N THR A 175 2.02 9.12 -11.16
CA THR A 175 2.53 10.38 -10.60
C THR A 175 2.31 11.46 -11.64
N ASP A 176 2.10 12.68 -11.18
CA ASP A 176 1.87 13.77 -12.12
C ASP A 176 2.11 15.11 -11.45
N TYR A 177 2.52 16.09 -12.24
CA TYR A 177 2.63 17.45 -11.71
C TYR A 177 1.24 17.99 -11.41
N CYS A 178 1.15 18.72 -10.29
CA CYS A 178 -0.08 19.36 -9.86
C CYS A 178 0.28 20.79 -9.44
N ALA A 179 -0.71 21.59 -9.12
CA ALA A 179 -0.47 23.01 -8.81
C ALA A 179 -1.45 23.57 -7.81
N ASP A 180 -1.08 24.71 -7.24
CA ASP A 180 -1.98 25.49 -6.40
C ASP A 180 -3.06 26.12 -7.28
N LYS A 181 -4.05 26.77 -6.67
CA LYS A 181 -5.07 27.47 -7.44
C LYS A 181 -4.44 28.64 -8.21
N ILE A 182 -5.05 29.01 -9.34
CA ILE A 182 -4.43 29.94 -10.29
C ILE A 182 -4.22 31.35 -9.74
N GLU A 183 -5.01 31.75 -8.76
CA GLU A 183 -4.86 33.08 -8.18
C GLU A 183 -3.51 33.26 -7.46
N ASN A 184 -2.88 32.14 -7.11
CA ASN A 184 -1.56 32.17 -6.48
C ASN A 184 -0.42 32.02 -7.47
N TRP A 185 -0.74 31.78 -8.73
CA TRP A 185 0.29 31.71 -9.77
C TRP A 185 0.83 33.11 -10.01
N ASP A 186 2.14 33.22 -10.19
CA ASP A 186 2.73 34.51 -10.57
C ASP A 186 3.16 34.47 -12.03
N GLU A 187 3.74 35.56 -12.53
CA GLU A 187 4.10 35.62 -13.95
C GLU A 187 5.10 34.56 -14.37
N GLU A 188 6.09 34.29 -13.54
CA GLU A 188 7.08 33.29 -13.91
C GLU A 188 6.47 31.88 -13.97
N PHE A 189 5.56 31.56 -13.06
CA PHE A 189 4.90 30.25 -13.10
C PHE A 189 3.98 30.12 -14.31
N LYS A 190 3.18 31.16 -14.57
CA LYS A 190 2.31 31.17 -15.74
C LYS A 190 3.12 31.01 -17.03
N ALA A 191 4.31 31.60 -17.04
CA ALA A 191 5.18 31.50 -18.21
C ALA A 191 5.66 30.07 -18.44
N TYR A 192 6.05 29.40 -17.36
CA TYR A 192 6.45 27.99 -17.39
C TYR A 192 5.33 27.11 -17.90
N ILE A 193 4.15 27.25 -17.32
CA ILE A 193 2.99 26.48 -17.75
C ILE A 193 2.68 26.70 -19.22
N LYS A 194 2.77 27.94 -19.68
CA LYS A 194 2.51 28.27 -21.07
C LYS A 194 3.56 27.65 -21.99
N LYS A 195 4.82 27.77 -21.58
CA LYS A 195 5.93 27.20 -22.35
C LYS A 195 5.82 25.68 -22.50
N ARG A 196 5.35 25.03 -21.44
CA ARG A 196 5.26 23.58 -21.41
C ARG A 196 3.95 23.04 -21.99
N LYS A 197 2.95 23.90 -22.11
CA LYS A 197 1.59 23.48 -22.49
C LYS A 197 1.04 22.42 -21.54
N TYR A 198 1.31 22.63 -20.25
CA TYR A 198 0.78 21.77 -19.22
C TYR A 198 -0.62 22.23 -18.82
N THR A 199 -1.45 21.27 -18.40
CA THR A 199 -2.69 21.62 -17.74
C THR A 199 -2.61 20.96 -16.37
N LEU A 200 -2.43 21.80 -15.34
CA LEU A 200 -2.30 21.30 -13.98
C LEU A 200 -3.51 21.66 -13.14
N MET A 201 -3.71 20.92 -12.06
CA MET A 201 -4.79 21.16 -11.13
C MET A 201 -4.32 20.70 -9.74
N PRO A 202 -5.08 21.03 -8.67
CA PRO A 202 -4.69 20.57 -7.35
C PRO A 202 -4.85 19.06 -7.18
N ILE A 203 -4.10 18.52 -6.24
CA ILE A 203 -4.09 17.08 -5.99
C ILE A 203 -5.47 16.52 -5.68
N GLN A 204 -6.21 17.17 -4.79
CA GLN A 204 -7.48 16.57 -4.40
C GLN A 204 -8.51 16.64 -5.51
N GLU A 205 -8.45 17.68 -6.33
CA GLU A 205 -9.30 17.76 -7.52
C GLU A 205 -9.01 16.64 -8.51
N TYR A 206 -7.72 16.32 -8.65
CA TYR A 206 -7.28 15.24 -9.52
C TYR A 206 -7.80 13.92 -8.97
N GLY A 207 -7.65 13.72 -7.65
CA GLY A 207 -8.21 12.54 -7.01
C GLY A 207 -9.72 12.42 -7.22
N ASP A 208 -10.42 13.55 -7.12
CA ASP A 208 -11.86 13.55 -7.31
C ASP A 208 -12.25 13.14 -8.71
N LEU A 209 -11.49 13.62 -9.70
CA LEU A 209 -11.71 13.22 -11.07
C LEU A 209 -11.60 11.70 -11.23
N ILE A 210 -10.58 11.11 -10.62
CA ILE A 210 -10.41 9.67 -10.70
C ILE A 210 -11.59 8.94 -10.02
N LYS A 211 -11.95 9.41 -8.83
CA LYS A 211 -13.11 8.84 -8.13
C LYS A 211 -14.37 8.93 -8.97
N SER A 212 -14.57 10.03 -9.68
N SER A 212 -14.55 10.05 -9.66
CA SER A 212 -15.79 10.23 -10.46
CA SER A 212 -15.75 10.26 -10.49
C SER A 212 -15.92 9.24 -11.61
C SER A 212 -15.91 9.24 -11.60
N CYS A 213 -14.81 8.59 -11.96
CA CYS A 213 -14.82 7.57 -13.00
C CYS A 213 -15.07 6.17 -12.46
N LYS A 214 -15.45 6.10 -11.18
CA LYS A 214 -15.88 4.88 -10.47
C LYS A 214 -14.75 4.12 -9.78
N PHE A 215 -13.52 4.59 -9.93
CA PHE A 215 -12.41 3.96 -9.24
C PHE A 215 -12.63 3.97 -7.74
N GLN A 216 -12.23 2.87 -7.10
CA GLN A 216 -12.34 2.69 -5.66
C GLN A 216 -10.95 2.60 -5.05
N ASN A 217 -10.90 2.60 -3.71
CA ASN A 217 -9.63 2.59 -2.99
C ASN A 217 -8.70 3.69 -3.48
N VAL A 218 -9.28 4.84 -3.82
CA VAL A 218 -8.47 5.92 -4.37
C VAL A 218 -7.60 6.57 -3.31
N GLU A 219 -6.32 6.68 -3.61
CA GLU A 219 -5.38 7.47 -2.82
C GLU A 219 -4.91 8.62 -3.68
N ALA A 220 -5.00 9.83 -3.15
CA ALA A 220 -4.52 11.02 -3.83
C ALA A 220 -3.62 11.71 -2.82
N LYS A 221 -2.32 11.58 -3.02
CA LYS A 221 -1.35 11.98 -2.01
C LYS A 221 -0.39 13.03 -2.51
N ASP A 222 -0.06 13.96 -1.64
CA ASP A 222 0.92 14.99 -1.93
CA ASP A 222 0.92 14.99 -1.93
C ASP A 222 2.31 14.47 -1.60
N ILE A 223 3.11 14.20 -2.63
CA ILE A 223 4.46 13.71 -2.43
C ILE A 223 5.49 14.78 -2.80
N SER A 224 5.12 16.04 -2.60
CA SER A 224 6.02 17.15 -2.91
C SER A 224 7.25 17.18 -2.02
N ASP A 225 7.15 16.68 -0.80
CA ASP A 225 8.32 16.66 0.06
C ASP A 225 9.38 15.74 -0.53
N TYR A 226 8.94 14.56 -0.96
CA TYR A 226 9.81 13.63 -1.65
C TYR A 226 10.33 14.22 -2.97
N TRP A 227 9.45 14.91 -3.68
CA TRP A 227 9.85 15.53 -4.93
C TRP A 227 11.00 16.50 -4.70
N LEU A 228 10.89 17.29 -3.63
CA LEU A 228 11.93 18.26 -3.31
C LEU A 228 13.24 17.55 -2.99
N GLU A 229 13.19 16.45 -2.25
CA GLU A 229 14.38 15.65 -2.00
C GLU A 229 15.04 15.25 -3.31
N LEU A 230 14.24 14.76 -4.26
CA LEU A 230 14.75 14.33 -5.56
C LEU A 230 15.36 15.49 -6.34
N LEU A 231 14.63 16.61 -6.41
CA LEU A 231 15.09 17.79 -7.13
C LEU A 231 16.41 18.31 -6.60
N GLN A 232 16.54 18.35 -5.27
CA GLN A 232 17.74 18.92 -4.66
C GLN A 232 18.99 18.13 -5.00
N LEU A 233 18.88 16.81 -4.93
CA LEU A 233 20.01 15.96 -5.24
C LEU A 233 20.30 15.93 -6.74
N GLU A 234 19.24 15.98 -7.55
CA GLU A 234 19.42 16.05 -9.00
C GLU A 234 20.20 17.30 -9.37
N LEU A 235 19.84 18.42 -8.77
CA LEU A 235 20.51 19.70 -9.05
C LEU A 235 21.94 19.74 -8.54
N SER A 236 22.16 19.26 -7.32
CA SER A 236 23.52 19.30 -6.77
C SER A 236 24.45 18.41 -7.57
N LYS A 237 23.97 17.24 -8.01
CA LYS A 237 24.78 16.37 -8.83
C LYS A 237 25.09 17.04 -10.17
N LEU A 238 24.10 17.70 -10.76
CA LEU A 238 24.32 18.42 -12.02
C LEU A 238 25.42 19.46 -11.89
N GLU A 239 25.36 20.27 -10.84
CA GLU A 239 26.33 21.35 -10.66
C GLU A 239 27.72 20.78 -10.38
N GLU A 240 27.79 19.68 -9.63
CA GLU A 240 29.07 19.01 -9.43
C GLU A 240 29.68 18.51 -10.73
N LYS A 241 28.82 18.17 -11.69
CA LYS A 241 29.28 17.59 -12.95
C LYS A 241 29.23 18.59 -14.09
N LYS A 242 29.17 19.89 -13.78
CA LYS A 242 29.08 20.91 -14.83
C LYS A 242 30.17 20.78 -15.90
N GLU A 243 31.42 20.70 -15.47
CA GLU A 243 32.52 20.65 -16.44
C GLU A 243 32.44 19.39 -17.30
N GLU A 244 31.95 18.29 -16.72
CA GLU A 244 31.80 17.05 -17.48
C GLU A 244 30.65 17.14 -18.49
N PHE A 245 29.56 17.76 -18.05
CA PHE A 245 28.40 17.97 -18.89
C PHE A 245 28.79 18.78 -20.14
N LEU A 246 29.60 19.82 -19.92
CA LEU A 246 29.97 20.71 -21.04
C LEU A 246 30.83 20.02 -22.10
N LYS A 247 31.49 18.92 -21.75
CA LYS A 247 32.27 18.17 -22.74
C LYS A 247 31.40 17.47 -23.77
N VAL A 248 30.20 17.10 -23.36
CA VAL A 248 29.34 16.27 -24.20
C VAL A 248 28.14 17.06 -24.72
N TYR A 249 27.60 17.93 -23.87
CA TYR A 249 26.41 18.71 -24.20
C TYR A 249 26.76 20.20 -24.13
N SER A 250 25.77 21.04 -24.38
CA SER A 250 25.99 22.48 -24.52
C SER A 250 25.70 23.28 -23.24
N ILE A 251 26.29 24.47 -23.15
CA ILE A 251 26.03 25.36 -22.02
C ILE A 251 24.56 25.81 -22.02
N LYS A 252 23.96 25.86 -23.21
CA LYS A 252 22.56 26.20 -23.31
C LYS A 252 21.70 25.17 -22.57
N GLU A 253 21.99 23.89 -22.81
CA GLU A 253 21.23 22.85 -22.13
C GLU A 253 21.59 22.82 -20.65
N TYR A 254 22.84 23.15 -20.33
CA TYR A 254 23.24 23.17 -18.92
C TYR A 254 22.42 24.23 -18.18
N ASN A 255 22.38 25.44 -18.73
CA ASN A 255 21.65 26.50 -18.07
C ASN A 255 20.15 26.26 -18.05
N SER A 256 19.62 25.63 -19.10
CA SER A 256 18.21 25.26 -19.13
C SER A 256 17.87 24.31 -17.99
N LEU A 257 18.69 23.28 -17.78
CA LEU A 257 18.47 22.34 -16.69
C LEU A 257 18.60 23.06 -15.37
N LYS A 258 19.71 23.78 -15.18
CA LYS A 258 19.97 24.38 -13.88
C LYS A 258 18.90 25.40 -13.50
N ASP A 259 18.55 26.27 -14.44
CA ASP A 259 17.54 27.28 -14.16
C ASP A 259 16.19 26.61 -13.94
N GLY A 260 15.90 25.54 -14.69
CA GLY A 260 14.63 24.85 -14.58
C GLY A 260 14.45 24.20 -13.23
N TRP A 261 15.49 23.54 -12.74
CA TRP A 261 15.45 22.92 -11.43
C TRP A 261 15.41 23.96 -10.33
N THR A 262 16.14 25.06 -10.52
CA THR A 262 16.12 26.15 -9.54
C THR A 262 14.69 26.65 -9.35
N ARG A 263 13.97 26.82 -10.44
N ARG A 263 13.96 26.82 -10.45
CA ARG A 263 12.60 27.32 -10.32
CA ARG A 263 12.60 27.34 -10.33
C ARG A 263 11.66 26.27 -9.73
C ARG A 263 11.62 26.29 -9.81
N LYS A 264 11.83 25.01 -10.12
CA LYS A 264 10.98 23.96 -9.55
C LYS A 264 11.16 23.88 -8.05
N ILE A 265 12.41 23.95 -7.59
CA ILE A 265 12.68 23.92 -6.15
C ILE A 265 12.03 25.11 -5.45
N LYS A 266 12.18 26.30 -6.02
N LYS A 266 12.21 26.30 -6.01
CA LYS A 266 11.58 27.49 -5.43
CA LYS A 266 11.59 27.50 -5.49
C LYS A 266 10.06 27.40 -5.41
C LYS A 266 10.08 27.35 -5.40
N ASP A 267 9.47 26.91 -6.50
CA ASP A 267 8.03 26.88 -6.59
C ASP A 267 7.37 25.75 -5.78
N THR A 268 8.08 24.66 -5.53
CA THR A 268 7.52 23.65 -4.67
C THR A 268 7.62 24.06 -3.19
N LYS A 269 8.67 24.80 -2.85
CA LYS A 269 8.79 25.30 -1.48
C LYS A 269 7.65 26.25 -1.10
N ARG A 270 7.09 26.95 -2.08
CA ARG A 270 5.95 27.82 -1.79
C ARG A 270 4.62 27.19 -2.19
N ASP A 271 4.62 25.88 -2.42
CA ASP A 271 3.41 25.08 -2.66
C ASP A 271 2.73 25.43 -3.98
N LEU A 272 3.49 25.98 -4.91
CA LEU A 272 2.91 26.41 -6.17
C LEU A 272 2.90 25.24 -7.15
N GLN A 273 4.05 24.59 -7.30
CA GLN A 273 4.14 23.41 -8.13
C GLN A 273 4.27 22.21 -7.19
N LYS A 274 3.46 21.19 -7.45
CA LYS A 274 3.31 20.05 -6.56
C LYS A 274 3.52 18.75 -7.30
N TRP A 275 3.89 17.71 -6.56
CA TRP A 275 3.96 16.38 -7.13
C TRP A 275 2.88 15.50 -6.51
N GLY A 276 2.00 14.99 -7.36
CA GLY A 276 0.88 14.16 -6.93
C GLY A 276 1.10 12.69 -7.20
N TYR A 277 0.68 11.88 -6.24
CA TYR A 277 0.69 10.42 -6.36
C TYR A 277 -0.76 9.95 -6.29
N PHE A 278 -1.14 9.08 -7.21
CA PHE A 278 -2.51 8.60 -7.28
C PHE A 278 -2.50 7.11 -7.50
N LYS A 279 -3.26 6.41 -6.66
CA LYS A 279 -3.43 4.97 -6.81
C LYS A 279 -4.92 4.68 -6.71
N ALA A 280 -5.42 3.78 -7.54
CA ALA A 280 -6.85 3.47 -7.53
C ALA A 280 -7.04 2.06 -8.04
N GLN A 281 -8.24 1.54 -7.81
CA GLN A 281 -8.51 0.16 -8.18
C GLN A 281 -9.88 0.04 -8.81
N LYS A 282 -9.98 -0.77 -9.86
CA LYS A 282 -11.27 -1.10 -10.44
C LYS A 282 -11.89 -2.23 -9.63
N MET A 283 -13.00 -1.95 -8.96
CA MET A 283 -13.66 -2.98 -8.17
C MET A 283 -15.06 -3.28 -8.71
N ILE A 284 -15.37 -4.56 -8.88
CA ILE A 284 -16.69 -4.97 -9.37
C ILE A 284 -17.52 -5.51 -8.20
N PRO B 25 -25.29 -12.69 -9.64
CA PRO B 25 -25.95 -13.65 -8.74
C PRO B 25 -26.33 -12.99 -7.41
N VAL B 26 -27.27 -13.59 -6.68
CA VAL B 26 -27.65 -13.07 -5.37
C VAL B 26 -26.46 -13.18 -4.41
N ASP B 27 -26.24 -12.14 -3.62
CA ASP B 27 -25.21 -12.21 -2.58
C ASP B 27 -25.77 -12.90 -1.35
N ILE B 28 -25.71 -14.23 -1.35
CA ILE B 28 -26.37 -15.07 -0.35
C ILE B 28 -25.99 -14.72 1.09
N LYS B 29 -27.01 -14.44 1.89
CA LYS B 29 -26.85 -14.12 3.31
C LYS B 29 -25.79 -13.04 3.57
N TYR B 30 -25.75 -12.04 2.70
CA TYR B 30 -24.74 -10.96 2.81
C TYR B 30 -24.78 -10.26 4.15
N LEU B 31 -25.97 -10.06 4.70
CA LEU B 31 -26.09 -9.26 5.91
C LEU B 31 -25.67 -10.04 7.16
N GLU B 32 -25.36 -11.32 6.98
CA GLU B 32 -24.84 -12.11 8.09
C GLU B 32 -23.31 -12.02 8.13
N ASN B 33 -22.76 -11.20 7.22
CA ASN B 33 -21.32 -11.10 6.99
C ASN B 33 -20.51 -10.26 7.96
N ASN B 34 -21.15 -9.49 8.83
CA ASN B 34 -20.39 -8.55 9.66
C ASN B 34 -19.80 -9.19 10.91
N GLN B 35 -18.49 -9.37 10.86
CA GLN B 35 -17.77 -10.15 11.85
C GLN B 35 -17.95 -9.65 13.29
N TYR B 36 -17.96 -8.34 13.45
CA TYR B 36 -17.96 -7.75 14.77
C TYR B 36 -19.29 -7.10 15.14
N SER B 37 -20.37 -7.75 14.74
CA SER B 37 -21.68 -7.39 15.27
C SER B 37 -21.67 -7.63 16.78
N ASP B 38 -22.59 -7.00 17.51
CA ASP B 38 -22.64 -7.23 18.95
C ASP B 38 -22.79 -8.72 19.27
N GLU B 39 -23.65 -9.39 18.51
CA GLU B 39 -23.91 -10.81 18.71
C GLU B 39 -22.70 -11.64 18.33
N GLY B 40 -22.01 -11.24 17.26
CA GLY B 40 -20.82 -11.92 16.81
C GLY B 40 -19.70 -11.84 17.83
N ILE B 41 -19.54 -10.67 18.42
CA ILE B 41 -18.53 -10.50 19.46
C ILE B 41 -18.85 -11.37 20.68
N LYS B 42 -20.10 -11.37 21.11
CA LYS B 42 -20.49 -12.21 22.23
C LYS B 42 -20.30 -13.70 21.94
N ALA B 43 -20.60 -14.11 20.71
CA ALA B 43 -20.39 -15.49 20.31
C ALA B 43 -18.91 -15.86 20.34
N TYR B 44 -18.05 -14.96 19.85
CA TYR B 44 -16.60 -15.18 19.94
C TYR B 44 -16.13 -15.35 21.40
N GLU B 45 -16.63 -14.52 22.32
CA GLU B 45 -16.27 -14.65 23.71
C GLU B 45 -16.72 -16.00 24.28
N PHE B 46 -17.87 -16.48 23.82
CA PHE B 46 -18.34 -17.79 24.28
C PHE B 46 -17.35 -18.90 23.90
N ILE B 47 -16.83 -18.85 22.68
CA ILE B 47 -15.98 -19.93 22.21
C ILE B 47 -14.51 -19.77 22.63
N PHE B 48 -14.04 -18.52 22.74
CA PHE B 48 -12.66 -18.25 23.09
C PHE B 48 -12.45 -18.04 24.58
N GLY B 49 -13.51 -17.69 25.29
CA GLY B 49 -13.41 -17.30 26.69
C GLY B 49 -13.56 -15.80 26.83
N GLU B 50 -14.11 -15.40 27.97
CA GLU B 50 -14.31 -14.00 28.33
C GLU B 50 -13.08 -13.13 28.05
N ASP B 51 -13.33 -11.99 27.41
CA ASP B 51 -12.32 -10.95 27.12
C ASP B 51 -11.51 -11.20 25.86
N TYR B 52 -11.72 -12.33 25.21
CA TYR B 52 -10.96 -12.67 24.00
C TYR B 52 -11.84 -12.91 22.79
N ILE B 53 -11.38 -12.43 21.64
CA ILE B 53 -12.06 -12.70 20.38
C ILE B 53 -11.09 -13.20 19.32
N SER B 54 -10.03 -13.87 19.76
CA SER B 54 -9.13 -14.54 18.83
C SER B 54 -8.58 -15.85 19.36
N SER B 55 -7.98 -16.60 18.43
CA SER B 55 -7.43 -17.94 18.62
C SER B 55 -6.87 -18.22 19.99
N GLY B 56 -7.44 -19.22 20.66
CA GLY B 56 -6.82 -19.74 21.86
C GLY B 56 -7.05 -18.99 23.15
N GLY B 57 -7.71 -17.84 23.09
CA GLY B 57 -8.02 -17.05 24.27
C GLY B 57 -6.85 -16.91 25.23
N ILE B 58 -7.11 -17.10 26.52
CA ILE B 58 -6.06 -16.94 27.52
C ILE B 58 -5.02 -18.08 27.44
N ILE B 59 -5.46 -19.25 26.99
CA ILE B 59 -4.56 -20.41 26.85
C ILE B 59 -3.39 -20.09 25.91
N ALA B 60 -3.71 -19.61 24.72
CA ALA B 60 -2.66 -19.31 23.75
C ALA B 60 -1.85 -18.11 24.20
N THR B 61 -2.53 -17.13 24.81
CA THR B 61 -1.85 -15.93 25.29
C THR B 61 -0.76 -16.28 26.29
N THR B 62 -1.08 -17.17 27.22
CA THR B 62 -0.11 -17.65 28.19
C THR B 62 1.11 -18.28 27.52
N LYS B 63 0.86 -19.11 26.51
CA LYS B 63 1.93 -19.77 25.80
C LYS B 63 2.80 -18.80 24.99
N ILE B 64 2.14 -17.87 24.29
CA ILE B 64 2.82 -16.91 23.42
C ILE B 64 3.68 -15.92 24.19
N LEU B 65 3.34 -15.68 25.44
CA LEU B 65 4.12 -14.78 26.28
C LEU B 65 5.16 -15.52 27.14
N SER B 66 5.22 -16.84 27.02
CA SER B 66 6.18 -17.62 27.79
C SER B 66 7.61 -17.13 27.59
N ASP B 67 7.92 -16.73 26.37
CA ASP B 67 9.28 -16.35 25.97
C ASP B 67 9.45 -14.83 25.93
N ILE B 68 8.71 -14.13 26.79
CA ILE B 68 8.79 -12.67 26.84
C ILE B 68 9.15 -12.19 28.25
N GLN B 69 10.13 -11.29 28.33
CA GLN B 69 10.56 -10.71 29.61
C GLN B 69 10.15 -9.25 29.65
N LEU B 70 9.40 -8.88 30.69
CA LEU B 70 9.00 -7.48 30.90
C LEU B 70 8.95 -7.24 32.39
N ASP B 71 8.93 -5.97 32.80
CA ASP B 71 8.73 -5.67 34.22
C ASP B 71 7.75 -4.54 34.40
N ALA B 72 7.61 -4.07 35.63
CA ALA B 72 6.59 -3.09 35.95
C ALA B 72 6.80 -1.75 35.26
N ASN B 73 8.03 -1.48 34.84
CA ASN B 73 8.34 -0.24 34.14
C ASN B 73 8.24 -0.34 32.61
N SER B 74 7.99 -1.54 32.11
CA SER B 74 7.91 -1.74 30.67
C SER B 74 6.66 -1.08 30.09
N LYS B 75 6.77 -0.60 28.86
CA LYS B 75 5.63 -0.05 28.14
C LYS B 75 5.31 -0.93 26.93
N VAL B 76 4.05 -1.35 26.85
CA VAL B 76 3.58 -2.26 25.81
C VAL B 76 2.45 -1.61 25.02
N LEU B 77 2.48 -1.79 23.70
CA LEU B 77 1.37 -1.41 22.83
C LEU B 77 0.69 -2.68 22.34
N ASP B 78 -0.64 -2.75 22.44
CA ASP B 78 -1.42 -3.84 21.86
C ASP B 78 -2.21 -3.31 20.66
N ILE B 79 -1.81 -3.73 19.47
CA ILE B 79 -2.47 -3.31 18.24
C ILE B 79 -3.63 -4.24 17.91
N GLY B 80 -4.84 -3.70 18.01
CA GLY B 80 -6.07 -4.46 17.85
C GLY B 80 -6.51 -5.04 19.18
N SER B 81 -6.60 -4.19 20.20
CA SER B 81 -6.76 -4.68 21.56
C SER B 81 -8.11 -5.31 21.89
N GLY B 82 -9.09 -5.14 21.01
CA GLY B 82 -10.37 -5.83 21.15
C GLY B 82 -11.07 -5.53 22.48
N LEU B 83 -11.40 -6.58 23.21
CA LEU B 83 -12.11 -6.43 24.48
C LEU B 83 -11.15 -6.29 25.66
N GLY B 84 -9.87 -6.36 25.37
CA GLY B 84 -8.87 -6.06 26.37
C GLY B 84 -8.23 -7.21 27.12
N GLY B 85 -8.60 -8.44 26.77
CA GLY B 85 -8.07 -9.61 27.46
C GLY B 85 -6.56 -9.68 27.49
N GLY B 86 -5.92 -9.45 26.35
CA GLY B 86 -4.46 -9.51 26.28
C GLY B 86 -3.79 -8.43 27.10
N CYS B 87 -4.34 -7.23 27.05
CA CYS B 87 -3.82 -6.13 27.85
C CYS B 87 -3.94 -6.46 29.34
N LYS B 88 -5.09 -6.97 29.74
CA LYS B 88 -5.29 -7.37 31.12
C LYS B 88 -4.25 -8.41 31.53
N TYR B 89 -4.02 -9.39 30.66
CA TYR B 89 -3.06 -10.46 30.96
C TYR B 89 -1.64 -9.95 31.11
N ILE B 90 -1.21 -9.12 30.16
CA ILE B 90 0.16 -8.62 30.18
C ILE B 90 0.40 -7.80 31.44
N ASN B 91 -0.58 -6.98 31.81
CA ASN B 91 -0.42 -6.16 33.00
C ASN B 91 -0.46 -7.02 34.27
N GLU B 92 -1.30 -8.04 34.28
CA GLU B 92 -1.37 -8.94 35.43
C GLU B 92 -0.06 -9.71 35.61
N LYS B 93 0.49 -10.21 34.51
CA LYS B 93 1.67 -11.06 34.60
C LYS B 93 2.92 -10.26 34.96
N TYR B 94 3.11 -9.13 34.29
CA TYR B 94 4.37 -8.40 34.40
C TYR B 94 4.28 -7.12 35.21
N GLY B 95 3.07 -6.62 35.42
CA GLY B 95 2.90 -5.29 36.00
C GLY B 95 3.15 -4.17 35.01
N ALA B 96 3.32 -4.51 33.73
CA ALA B 96 3.72 -3.55 32.72
C ALA B 96 2.62 -2.55 32.40
N HIS B 97 3.03 -1.36 31.96
CA HIS B 97 2.09 -0.41 31.39
C HIS B 97 1.66 -1.00 30.06
N VAL B 98 0.35 -0.99 29.79
N VAL B 98 0.36 -0.94 29.77
CA VAL B 98 -0.16 -1.42 28.49
CA VAL B 98 -0.10 -1.38 28.47
C VAL B 98 -1.13 -0.40 27.88
C VAL B 98 -1.14 -0.43 27.87
N HIS B 99 -0.94 -0.11 26.61
CA HIS B 99 -1.80 0.81 25.86
C HIS B 99 -2.38 -0.01 24.73
N GLY B 100 -3.69 -0.19 24.71
CA GLY B 100 -4.35 -0.91 23.65
C GLY B 100 -4.99 0.06 22.68
N VAL B 101 -4.84 -0.19 21.39
CA VAL B 101 -5.52 0.59 20.35
C VAL B 101 -6.41 -0.34 19.54
N ASP B 102 -7.66 0.06 19.34
CA ASP B 102 -8.53 -0.69 18.45
C ASP B 102 -9.39 0.26 17.67
N ILE B 103 -9.64 -0.06 16.40
CA ILE B 103 -10.45 0.80 15.55
C ILE B 103 -11.93 0.79 15.93
N CYS B 104 -12.35 -0.25 16.64
CA CYS B 104 -13.77 -0.44 16.94
C CYS B 104 -14.14 0.19 18.28
N GLU B 105 -14.82 1.34 18.22
CA GLU B 105 -15.09 2.09 19.44
C GLU B 105 -15.89 1.32 20.49
N LYS B 106 -16.91 0.57 20.05
CA LYS B 106 -17.72 -0.14 21.04
C LYS B 106 -16.91 -1.19 21.82
N MET B 107 -15.89 -1.76 21.17
N MET B 107 -15.88 -1.76 21.20
CA MET B 107 -14.99 -2.70 21.86
CA MET B 107 -15.05 -2.71 21.93
C MET B 107 -14.16 -1.98 22.91
C MET B 107 -14.10 -2.01 22.91
N VAL B 108 -13.61 -0.84 22.52
CA VAL B 108 -12.82 -0.01 23.44
C VAL B 108 -13.66 0.39 24.66
N THR B 109 -14.91 0.73 24.42
CA THR B 109 -15.82 1.05 25.51
C THR B 109 -16.00 -0.14 26.48
N ILE B 110 -16.16 -1.34 25.93
CA ILE B 110 -16.23 -2.54 26.74
C ILE B 110 -14.93 -2.77 27.51
N ALA B 111 -13.80 -2.66 26.81
CA ALA B 111 -12.50 -2.86 27.42
C ALA B 111 -12.28 -1.90 28.61
N LYS B 112 -12.64 -0.64 28.42
CA LYS B 112 -12.56 0.35 29.51
C LYS B 112 -13.45 -0.03 30.68
N LEU B 113 -14.69 -0.39 30.37
CA LEU B 113 -15.67 -0.74 31.39
C LEU B 113 -15.20 -1.91 32.26
N ARG B 114 -14.56 -2.91 31.64
CA ARG B 114 -14.15 -4.12 32.35
C ARG B 114 -12.80 -3.99 33.06
N ASN B 115 -12.13 -2.86 32.87
CA ASN B 115 -10.79 -2.69 33.43
C ASN B 115 -10.60 -1.34 34.14
N GLN B 116 -11.68 -0.82 34.72
CA GLN B 116 -11.62 0.45 35.43
C GLN B 116 -10.65 0.41 36.60
N ASP B 117 -10.48 -0.77 37.18
CA ASP B 117 -9.60 -0.92 38.34
C ASP B 117 -8.15 -1.20 37.96
N LYS B 118 -7.81 -1.08 36.68
CA LYS B 118 -6.47 -1.36 36.23
C LYS B 118 -5.79 -0.04 35.84
N ALA B 119 -5.15 0.60 36.81
CA ALA B 119 -4.58 1.92 36.59
C ALA B 119 -3.52 1.98 35.51
N LYS B 120 -2.81 0.87 35.27
CA LYS B 120 -1.72 0.89 34.30
C LYS B 120 -2.11 0.33 32.93
N ILE B 121 -3.41 0.20 32.71
CA ILE B 121 -3.93 -0.14 31.39
C ILE B 121 -4.75 1.02 30.85
N GLU B 122 -4.51 1.37 29.59
CA GLU B 122 -5.35 2.34 28.92
C GLU B 122 -5.73 1.82 27.54
N PHE B 123 -6.90 2.22 27.08
CA PHE B 123 -7.43 1.79 25.79
C PHE B 123 -7.83 3.00 24.99
N GLU B 124 -7.66 2.91 23.68
CA GLU B 124 -7.96 4.03 22.80
C GLU B 124 -8.57 3.56 21.50
N ALA B 125 -9.60 4.28 21.05
CA ALA B 125 -10.27 3.95 19.80
C ALA B 125 -9.63 4.76 18.69
N LYS B 126 -8.92 4.08 17.79
CA LYS B 126 -8.31 4.71 16.64
C LYS B 126 -7.89 3.64 15.66
N ASP B 127 -7.88 4.00 14.38
CA ASP B 127 -7.27 3.18 13.35
C ASP B 127 -5.77 3.29 13.60
N ILE B 128 -5.10 2.17 13.80
CA ILE B 128 -3.66 2.22 14.07
C ILE B 128 -2.88 2.91 12.94
N LEU B 129 -3.41 2.86 11.72
CA LEU B 129 -2.74 3.47 10.57
C LEU B 129 -2.81 5.00 10.66
N LYS B 130 -3.69 5.51 11.50
CA LYS B 130 -3.83 6.95 11.74
C LYS B 130 -3.28 7.38 13.09
N LYS B 131 -2.62 6.46 13.79
CA LYS B 131 -2.07 6.73 15.11
C LYS B 131 -0.58 6.99 15.03
N ASP B 132 -0.11 8.01 15.75
CA ASP B 132 1.31 8.29 15.84
C ASP B 132 1.81 8.16 17.28
N PHE B 133 3.06 7.73 17.40
CA PHE B 133 3.77 7.71 18.67
C PHE B 133 5.18 8.20 18.40
N PRO B 134 5.85 8.74 19.43
CA PRO B 134 7.25 9.14 19.25
C PRO B 134 8.15 7.93 19.03
N GLU B 135 9.28 8.17 18.37
CA GLU B 135 10.42 7.25 18.37
C GLU B 135 10.70 6.72 19.77
N SER B 136 11.00 5.41 19.85
CA SER B 136 11.46 4.78 21.09
C SER B 136 10.48 4.94 22.26
N THR B 137 9.22 4.63 22.00
CA THR B 137 8.19 4.68 23.03
C THR B 137 8.00 3.36 23.78
N PHE B 138 8.01 2.24 23.05
CA PHE B 138 7.57 0.97 23.62
C PHE B 138 8.68 -0.06 23.76
N ASP B 139 8.62 -0.83 24.84
CA ASP B 139 9.48 -2.00 25.00
C ASP B 139 9.00 -3.18 24.17
N MET B 140 7.70 -3.28 23.99
CA MET B 140 7.13 -4.36 23.19
C MET B 140 5.90 -3.85 22.46
N ILE B 141 5.76 -4.27 21.20
CA ILE B 141 4.53 -4.07 20.45
C ILE B 141 3.96 -5.45 20.15
N TYR B 142 2.69 -5.62 20.48
CA TYR B 142 2.03 -6.93 20.52
C TYR B 142 0.79 -6.87 19.67
N SER B 143 0.55 -7.89 18.88
CA SER B 143 -0.68 -7.92 18.08
C SER B 143 -1.13 -9.34 17.82
N ARG B 144 -2.41 -9.59 18.09
CA ARG B 144 -2.98 -10.93 17.98
C ARG B 144 -4.14 -10.95 16.99
N ASP B 145 -3.90 -11.59 15.85
CA ASP B 145 -4.90 -11.83 14.81
C ASP B 145 -5.68 -10.56 14.47
N SER B 146 -4.93 -9.49 14.22
CA SER B 146 -5.53 -8.20 13.88
C SER B 146 -4.97 -7.61 12.59
N ILE B 147 -3.72 -7.91 12.26
CA ILE B 147 -3.09 -7.29 11.11
C ILE B 147 -3.62 -7.87 9.77
N LEU B 148 -4.33 -8.98 9.87
CA LEU B 148 -5.04 -9.56 8.73
C LEU B 148 -6.11 -8.63 8.16
N HIS B 149 -6.48 -7.61 8.92
CA HIS B 149 -7.45 -6.62 8.43
C HIS B 149 -6.80 -5.58 7.52
N LEU B 150 -5.46 -5.58 7.46
CA LEU B 150 -4.71 -4.58 6.71
C LEU B 150 -4.27 -5.09 5.34
N SER B 151 -4.34 -4.22 4.32
CA SER B 151 -3.81 -4.53 3.00
C SER B 151 -2.30 -4.75 3.06
N TYR B 152 -1.74 -5.29 1.99
CA TYR B 152 -0.31 -5.51 1.91
C TYR B 152 0.45 -4.21 2.14
N ALA B 153 0.05 -3.16 1.43
CA ALA B 153 0.68 -1.84 1.59
C ALA B 153 0.59 -1.35 3.02
N ASP B 154 -0.57 -1.57 3.65
CA ASP B 154 -0.77 -1.09 5.01
C ASP B 154 -0.01 -1.91 6.04
N LYS B 155 0.16 -3.21 5.79
CA LYS B 155 1.05 -4.00 6.65
C LYS B 155 2.44 -3.39 6.65
N LYS B 156 2.96 -3.08 5.47
CA LYS B 156 4.28 -2.48 5.38
C LYS B 156 4.35 -1.15 6.11
N MET B 157 3.34 -0.31 5.92
CA MET B 157 3.33 0.98 6.60
C MET B 157 3.32 0.77 8.12
N LEU B 158 2.53 -0.19 8.57
CA LEU B 158 2.47 -0.47 10.01
C LEU B 158 3.80 -0.97 10.55
N PHE B 159 4.45 -1.89 9.85
CA PHE B 159 5.71 -2.44 10.34
C PHE B 159 6.79 -1.36 10.40
N GLU B 160 6.77 -0.43 9.46
CA GLU B 160 7.68 0.71 9.51
C GLU B 160 7.41 1.58 10.76
N LYS B 161 6.14 1.83 11.05
CA LYS B 161 5.76 2.58 12.24
C LYS B 161 6.22 1.83 13.48
N CYS B 162 5.97 0.53 13.52
CA CYS B 162 6.36 -0.27 14.69
C CYS B 162 7.86 -0.19 14.94
N TYR B 163 8.63 -0.21 13.86
CA TYR B 163 10.08 -0.12 13.99
C TYR B 163 10.48 1.18 14.67
N LYS B 164 9.88 2.27 14.22
CA LYS B 164 10.15 3.59 14.80
C LYS B 164 9.72 3.63 16.27
N TRP B 165 8.54 3.09 16.55
CA TRP B 165 7.94 3.21 17.88
C TRP B 165 8.64 2.40 18.96
N LEU B 166 9.35 1.36 18.58
CA LEU B 166 10.05 0.55 19.55
C LEU B 166 11.29 1.26 20.11
N LYS B 167 11.57 1.02 21.39
CA LYS B 167 12.86 1.39 21.99
C LYS B 167 13.93 0.49 21.38
N PRO B 168 15.20 0.93 21.40
CA PRO B 168 16.27 0.00 21.01
C PRO B 168 16.16 -1.27 21.84
N ASN B 169 16.33 -2.40 21.15
CA ASN B 169 16.21 -3.74 21.72
C ASN B 169 14.78 -4.19 21.95
N GLY B 170 13.83 -3.33 21.62
CA GLY B 170 12.41 -3.63 21.78
C GLY B 170 11.95 -4.76 20.88
N ILE B 171 10.85 -5.39 21.27
CA ILE B 171 10.35 -6.60 20.62
C ILE B 171 8.99 -6.37 19.96
N LEU B 172 8.86 -6.87 18.74
CA LEU B 172 7.59 -6.96 18.03
C LEU B 172 7.14 -8.41 18.11
N LEU B 173 5.92 -8.65 18.57
CA LEU B 173 5.40 -10.00 18.72
C LEU B 173 3.99 -10.07 18.17
N ILE B 174 3.80 -10.94 17.18
CA ILE B 174 2.57 -11.01 16.41
C ILE B 174 2.13 -12.44 16.20
N THR B 175 0.83 -12.69 16.36
CA THR B 175 0.22 -13.82 15.64
C THR B 175 -0.74 -13.26 14.62
N ASP B 176 -0.88 -13.96 13.50
CA ASP B 176 -1.79 -13.49 12.46
C ASP B 176 -2.21 -14.63 11.57
N TYR B 177 -3.40 -14.52 10.99
CA TYR B 177 -3.80 -15.51 9.99
C TYR B 177 -2.98 -15.30 8.73
N CYS B 178 -2.58 -16.42 8.13
CA CYS B 178 -1.83 -16.45 6.87
C CYS B 178 -2.49 -17.49 5.97
N ALA B 179 -2.00 -17.63 4.73
CA ALA B 179 -2.63 -18.55 3.79
C ALA B 179 -1.65 -19.12 2.78
N ASP B 180 -2.05 -20.22 2.14
CA ASP B 180 -1.36 -20.72 0.97
C ASP B 180 -1.46 -19.68 -0.16
N LYS B 181 -0.72 -19.90 -1.25
CA LYS B 181 -0.85 -19.03 -2.43
C LYS B 181 -2.28 -19.04 -2.96
N ILE B 182 -2.68 -17.91 -3.54
CA ILE B 182 -4.06 -17.71 -3.96
C ILE B 182 -4.51 -18.74 -5.00
N GLU B 183 -3.57 -19.25 -5.79
CA GLU B 183 -3.88 -20.27 -6.78
C GLU B 183 -4.50 -21.52 -6.17
N ASN B 184 -4.25 -21.75 -4.89
CA ASN B 184 -4.76 -22.93 -4.20
C ASN B 184 -6.02 -22.68 -3.39
N TRP B 185 -6.56 -21.47 -3.50
CA TRP B 185 -7.79 -21.14 -2.77
C TRP B 185 -8.99 -21.66 -3.54
N ASP B 186 -9.93 -22.28 -2.83
CA ASP B 186 -11.15 -22.75 -3.48
C ASP B 186 -12.26 -21.73 -3.27
N GLU B 187 -13.44 -22.02 -3.81
CA GLU B 187 -14.57 -21.09 -3.77
C GLU B 187 -14.98 -20.71 -2.35
N GLU B 188 -15.04 -21.69 -1.47
CA GLU B 188 -15.46 -21.45 -0.10
C GLU B 188 -14.45 -20.59 0.65
N PHE B 189 -13.16 -20.84 0.42
CA PHE B 189 -12.15 -20.03 1.09
C PHE B 189 -12.21 -18.60 0.58
N LYS B 190 -12.36 -18.42 -0.74
CA LYS B 190 -12.49 -17.07 -1.31
C LYS B 190 -13.70 -16.33 -0.73
N ALA B 191 -14.79 -17.06 -0.50
CA ALA B 191 -16.00 -16.47 0.07
C ALA B 191 -15.74 -15.98 1.49
N TYR B 192 -15.00 -16.77 2.25
CA TYR B 192 -14.61 -16.42 3.61
C TYR B 192 -13.75 -15.18 3.64
N ILE B 193 -12.72 -15.14 2.79
CA ILE B 193 -11.83 -13.98 2.73
C ILE B 193 -12.61 -12.72 2.35
N LYS B 194 -13.51 -12.86 1.38
CA LYS B 194 -14.32 -11.75 0.93
C LYS B 194 -15.24 -11.22 2.04
N LYS B 195 -15.96 -12.11 2.71
CA LYS B 195 -16.86 -11.63 3.76
C LYS B 195 -16.12 -11.04 4.96
N ARG B 196 -14.94 -11.58 5.27
CA ARG B 196 -14.13 -11.07 6.36
C ARG B 196 -13.33 -9.83 5.98
N LYS B 197 -13.15 -9.63 4.68
CA LYS B 197 -12.31 -8.55 4.15
C LYS B 197 -10.87 -8.66 4.67
N TYR B 198 -10.37 -9.90 4.74
CA TYR B 198 -9.00 -10.13 5.17
C TYR B 198 -8.04 -10.03 3.99
N THR B 199 -6.78 -9.74 4.29
CA THR B 199 -5.70 -9.81 3.32
C THR B 199 -4.69 -10.80 3.88
N LEU B 200 -4.66 -12.00 3.32
CA LEU B 200 -3.81 -13.09 3.83
C LEU B 200 -2.73 -13.52 2.86
N MET B 201 -1.50 -13.50 3.33
CA MET B 201 -0.32 -13.85 2.53
C MET B 201 0.43 -15.02 3.20
N PRO B 202 1.44 -15.57 2.52
CA PRO B 202 2.19 -16.68 3.11
C PRO B 202 3.10 -16.22 4.25
N ILE B 203 3.38 -17.15 5.15
CA ILE B 203 4.14 -16.84 6.36
C ILE B 203 5.52 -16.29 6.08
N GLN B 204 6.26 -16.89 5.16
CA GLN B 204 7.63 -16.42 4.98
C GLN B 204 7.66 -15.05 4.30
N GLU B 205 6.71 -14.80 3.42
CA GLU B 205 6.61 -13.51 2.78
C GLU B 205 6.26 -12.42 3.80
N TYR B 206 5.40 -12.74 4.75
CA TYR B 206 5.04 -11.81 5.82
C TYR B 206 6.28 -11.54 6.67
N GLY B 207 7.02 -12.58 7.04
CA GLY B 207 8.26 -12.39 7.78
C GLY B 207 9.26 -11.51 7.04
N ASP B 208 9.29 -11.64 5.71
CA ASP B 208 10.20 -10.85 4.89
C ASP B 208 9.79 -9.37 4.89
N LEU B 209 8.49 -9.09 4.97
CA LEU B 209 8.05 -7.70 5.12
C LEU B 209 8.61 -7.10 6.39
N ILE B 210 8.62 -7.89 7.46
CA ILE B 210 9.15 -7.44 8.74
C ILE B 210 10.67 -7.25 8.65
N LYS B 211 11.37 -8.24 8.10
CA LYS B 211 12.80 -8.08 7.83
C LYS B 211 13.13 -6.81 7.03
N SER B 212 12.34 -6.54 5.98
N SER B 212 12.34 -6.54 5.97
CA SER B 212 12.60 -5.39 5.12
CA SER B 212 12.61 -5.39 5.11
C SER B 212 12.51 -4.06 5.85
C SER B 212 12.51 -4.06 5.85
N CYS B 213 11.82 -4.04 6.98
CA CYS B 213 11.72 -2.83 7.79
C CYS B 213 12.88 -2.68 8.78
N LYS B 214 13.89 -3.56 8.63
CA LYS B 214 15.17 -3.52 9.37
C LYS B 214 15.17 -4.31 10.67
N PHE B 215 14.03 -4.91 11.00
CA PHE B 215 13.95 -5.76 12.17
C PHE B 215 14.96 -6.89 12.07
N GLN B 216 15.53 -7.24 13.22
CA GLN B 216 16.56 -8.26 13.33
C GLN B 216 16.06 -9.38 14.25
N ASN B 217 16.83 -10.45 14.33
CA ASN B 217 16.43 -11.63 15.11
C ASN B 217 15.01 -12.08 14.75
N VAL B 218 14.66 -11.99 13.47
CA VAL B 218 13.30 -12.27 13.05
C VAL B 218 13.02 -13.77 13.05
N GLU B 219 11.96 -14.14 13.77
CA GLU B 219 11.43 -15.50 13.74
C GLU B 219 10.07 -15.43 13.06
N ALA B 220 9.92 -16.12 11.94
CA ALA B 220 8.66 -16.21 11.22
C ALA B 220 8.33 -17.69 11.15
N LYS B 221 7.33 -18.10 11.93
CA LYS B 221 7.07 -19.52 12.10
C LYS B 221 5.64 -19.90 11.81
N ASP B 222 5.47 -21.11 11.31
CA ASP B 222 4.16 -21.66 11.05
C ASP B 222 3.76 -22.46 12.27
N ILE B 223 2.79 -21.96 13.03
CA ILE B 223 2.34 -22.65 14.23
C ILE B 223 0.94 -23.24 14.05
N SER B 224 0.66 -23.66 12.83
CA SER B 224 -0.66 -24.17 12.48
C SER B 224 -1.02 -25.47 13.19
N ASP B 225 -0.03 -26.26 13.58
CA ASP B 225 -0.33 -27.47 14.37
C ASP B 225 -0.94 -27.12 15.72
N TYR B 226 -0.37 -26.11 16.36
CA TYR B 226 -0.89 -25.59 17.61
C TYR B 226 -2.27 -24.97 17.36
N TRP B 227 -2.39 -24.21 16.28
CA TRP B 227 -3.68 -23.62 15.92
C TRP B 227 -4.75 -24.72 15.82
N LEU B 228 -4.42 -25.82 15.15
CA LEU B 228 -5.37 -26.90 14.99
C LEU B 228 -5.80 -27.47 16.35
N GLU B 229 -4.85 -27.63 17.27
CA GLU B 229 -5.17 -28.11 18.63
C GLU B 229 -6.19 -27.17 19.26
N LEU B 230 -5.93 -25.88 19.18
CA LEU B 230 -6.79 -24.89 19.80
C LEU B 230 -8.18 -24.93 19.19
N LEU B 231 -8.24 -25.01 17.86
CA LEU B 231 -9.51 -25.04 17.15
C LEU B 231 -10.36 -26.24 17.52
N GLN B 232 -9.71 -27.41 17.58
CA GLN B 232 -10.44 -28.63 17.87
C GLN B 232 -11.03 -28.58 19.28
N LEU B 233 -10.25 -28.12 20.25
CA LEU B 233 -10.78 -28.04 21.61
C LEU B 233 -11.86 -26.97 21.73
N GLU B 234 -11.66 -25.83 21.07
CA GLU B 234 -12.66 -24.78 21.08
C GLU B 234 -14.00 -25.28 20.55
N LEU B 235 -13.95 -25.99 19.43
CA LEU B 235 -15.16 -26.51 18.84
C LEU B 235 -15.78 -27.60 19.71
N SER B 236 -14.97 -28.45 20.30
CA SER B 236 -15.52 -29.54 21.10
C SER B 236 -16.23 -28.97 22.33
N LYS B 237 -15.66 -27.93 22.92
CA LYS B 237 -16.31 -27.30 24.07
C LYS B 237 -17.59 -26.57 23.68
N LEU B 238 -17.60 -25.95 22.50
CA LEU B 238 -18.82 -25.34 21.99
C LEU B 238 -19.93 -26.39 21.84
N GLU B 239 -19.62 -27.50 21.17
CA GLU B 239 -20.64 -28.52 20.93
C GLU B 239 -21.15 -29.14 22.24
N GLU B 240 -20.28 -29.27 23.23
CA GLU B 240 -20.67 -29.77 24.55
C GLU B 240 -21.67 -28.84 25.24
N LYS B 241 -21.57 -27.56 24.93
CA LYS B 241 -22.40 -26.53 25.58
C LYS B 241 -23.45 -25.92 24.66
N LYS B 242 -23.87 -26.66 23.64
CA LYS B 242 -24.85 -26.16 22.70
C LYS B 242 -26.15 -25.68 23.36
N GLU B 243 -26.68 -26.46 24.29
CA GLU B 243 -27.92 -26.06 24.94
C GLU B 243 -27.74 -24.78 25.75
N GLU B 244 -26.59 -24.65 26.42
CA GLU B 244 -26.28 -23.46 27.19
C GLU B 244 -26.20 -22.23 26.29
N PHE B 245 -25.52 -22.39 25.16
CA PHE B 245 -25.39 -21.32 24.17
C PHE B 245 -26.76 -20.82 23.72
N LEU B 246 -27.65 -21.75 23.41
CA LEU B 246 -28.96 -21.41 22.84
C LEU B 246 -29.93 -20.80 23.85
N LYS B 247 -29.61 -20.85 25.14
CA LYS B 247 -30.44 -20.17 26.12
C LYS B 247 -30.34 -18.66 25.92
N VAL B 248 -29.16 -18.18 25.54
CA VAL B 248 -28.95 -16.74 25.48
C VAL B 248 -28.62 -16.21 24.08
N TYR B 249 -28.01 -17.04 23.25
CA TYR B 249 -27.63 -16.63 21.91
C TYR B 249 -28.38 -17.46 20.86
N SER B 250 -28.36 -17.01 19.62
CA SER B 250 -29.22 -17.60 18.59
C SER B 250 -28.59 -18.81 17.92
N ILE B 251 -29.43 -19.66 17.35
CA ILE B 251 -29.00 -20.80 16.57
C ILE B 251 -28.18 -20.37 15.34
N LYS B 252 -28.50 -19.19 14.79
CA LYS B 252 -27.72 -18.69 13.67
C LYS B 252 -26.28 -18.41 14.08
N GLU B 253 -26.08 -17.79 15.24
CA GLU B 253 -24.73 -17.55 15.72
C GLU B 253 -24.05 -18.88 16.06
N TYR B 254 -24.82 -19.81 16.64
CA TYR B 254 -24.27 -21.12 16.97
C TYR B 254 -23.76 -21.83 15.72
N ASN B 255 -24.61 -21.93 14.71
CA ASN B 255 -24.21 -22.57 13.46
C ASN B 255 -23.09 -21.82 12.76
N SER B 256 -23.02 -20.50 12.93
CA SER B 256 -21.91 -19.73 12.36
C SER B 256 -20.59 -20.09 12.99
N LEU B 257 -20.57 -20.19 14.32
CA LEU B 257 -19.38 -20.66 15.01
C LEU B 257 -19.05 -22.06 14.59
N LYS B 258 -20.02 -22.97 14.68
CA LYS B 258 -19.73 -24.36 14.43
C LYS B 258 -19.24 -24.57 13.00
N ASP B 259 -19.95 -23.98 12.04
CA ASP B 259 -19.56 -24.15 10.65
C ASP B 259 -18.22 -23.46 10.37
N GLY B 260 -17.98 -22.32 11.01
CA GLY B 260 -16.77 -21.59 10.75
C GLY B 260 -15.56 -22.31 11.30
N TRP B 261 -15.71 -22.92 12.47
CA TRP B 261 -14.62 -23.68 13.05
C TRP B 261 -14.37 -24.94 12.25
N THR B 262 -15.45 -25.59 11.82
CA THR B 262 -15.32 -26.78 10.98
C THR B 262 -14.50 -26.48 9.74
N ARG B 263 -14.76 -25.35 9.09
CA ARG B 263 -13.99 -24.97 7.91
C ARG B 263 -12.53 -24.64 8.24
N LYS B 264 -12.31 -23.90 9.31
CA LYS B 264 -10.92 -23.59 9.70
C LYS B 264 -10.12 -24.85 9.96
N ILE B 265 -10.74 -25.83 10.62
CA ILE B 265 -10.08 -27.08 10.94
C ILE B 265 -9.73 -27.83 9.64
N LYS B 266 -10.71 -27.92 8.73
CA LYS B 266 -10.49 -28.58 7.45
C LYS B 266 -9.40 -27.87 6.67
N ASP B 267 -9.46 -26.55 6.63
CA ASP B 267 -8.57 -25.79 5.78
C ASP B 267 -7.17 -25.69 6.34
N THR B 268 -7.00 -25.76 7.65
CA THR B 268 -5.63 -25.78 8.14
C THR B 268 -4.98 -27.14 7.90
N LYS B 269 -5.79 -28.20 7.93
CA LYS B 269 -5.25 -29.54 7.68
C LYS B 269 -4.72 -29.70 6.25
N ARG B 270 -5.33 -28.99 5.31
CA ARG B 270 -4.82 -29.01 3.93
C ARG B 270 -3.94 -27.80 3.60
N ASP B 271 -3.44 -27.14 4.65
CA ASP B 271 -2.40 -26.10 4.52
C ASP B 271 -2.89 -24.86 3.79
N LEU B 272 -4.20 -24.65 3.78
CA LEU B 272 -4.80 -23.53 3.08
C LEU B 272 -4.86 -22.29 3.97
N GLN B 273 -5.41 -22.46 5.18
CA GLN B 273 -5.42 -21.39 6.16
C GLN B 273 -4.40 -21.74 7.23
N LYS B 274 -3.54 -20.78 7.57
CA LYS B 274 -2.40 -21.02 8.45
C LYS B 274 -2.36 -20.01 9.58
N TRP B 275 -1.68 -20.37 10.65
CA TRP B 275 -1.45 -19.45 11.76
C TRP B 275 0.03 -19.12 11.82
N GLY B 276 0.33 -17.84 11.64
CA GLY B 276 1.70 -17.34 11.65
C GLY B 276 2.09 -16.73 12.98
N TYR B 277 3.33 -16.98 13.39
CA TYR B 277 3.94 -16.41 14.59
C TYR B 277 5.15 -15.62 14.13
N PHE B 278 5.24 -14.37 14.61
CA PHE B 278 6.32 -13.48 14.21
C PHE B 278 6.88 -12.79 15.43
N LYS B 279 8.18 -12.93 15.65
CA LYS B 279 8.88 -12.22 16.71
C LYS B 279 10.09 -11.57 16.10
N ALA B 280 10.33 -10.32 16.47
CA ALA B 280 11.43 -9.58 15.88
C ALA B 280 11.93 -8.54 16.89
N GLN B 281 13.13 -8.04 16.64
CA GLN B 281 13.76 -7.12 17.57
C GLN B 281 14.37 -5.93 16.86
N LYS B 282 14.20 -4.75 17.43
CA LYS B 282 14.87 -3.56 16.94
C LYS B 282 16.29 -3.52 17.47
N MET B 283 17.24 -3.65 16.55
CA MET B 283 18.67 -3.61 16.86
C MET B 283 19.25 -2.51 16.00
N ILE B 284 19.51 -1.37 16.61
CA ILE B 284 19.96 -0.21 15.86
C ILE B 284 21.44 -0.31 15.48
P PO4 C . 9.94 19.60 -16.46
O1 PO4 C . 8.78 20.54 -16.65
O2 PO4 C . 10.16 19.24 -15.01
O3 PO4 C . 9.59 18.31 -17.19
O4 PO4 C . 11.20 20.18 -17.07
N SAM D . 7.01 8.34 -18.38
CA SAM D . 8.27 8.71 -19.04
C SAM D . 9.37 8.86 -18.01
O SAM D . 9.08 8.86 -16.80
OXT SAM D . 10.55 8.98 -18.34
CB SAM D . 8.12 9.99 -19.86
CG SAM D . 7.85 11.25 -19.05
SD SAM D . 7.77 12.73 -20.10
CE SAM D . 7.91 14.03 -18.86
C5' SAM D . 6.03 12.83 -20.58
C4' SAM D . 5.74 11.93 -21.77
O4' SAM D . 4.36 11.99 -22.10
C3' SAM D . 6.49 12.34 -23.03
O3' SAM D . 7.30 11.27 -23.45
C2' SAM D . 5.38 12.66 -24.03
O2' SAM D . 5.68 12.35 -25.37
C1' SAM D . 4.26 11.81 -23.49
N9 SAM D . 2.91 12.20 -23.96
C8 SAM D . 2.38 13.46 -23.98
N7 SAM D . 1.12 13.37 -24.46
C5 SAM D . 0.83 12.08 -24.73
C6 SAM D . -0.29 11.45 -25.25
N6 SAM D . -1.40 12.13 -25.57
N1 SAM D . -0.26 10.09 -25.44
C2 SAM D . 0.86 9.35 -25.12
N3 SAM D . 1.98 9.99 -24.61
C4 SAM D . 1.96 11.33 -24.42
P PO4 E . -12.44 -15.84 12.34
O1 PO4 E . -11.56 -16.98 12.79
O2 PO4 E . -13.90 -16.14 12.59
O3 PO4 E . -12.06 -14.59 13.15
O4 PO4 E . -12.20 -15.47 10.90
N SAM F . -6.38 -8.87 19.67
CA SAM F . -7.76 -9.06 20.13
C SAM F . -7.96 -10.47 20.65
O SAM F . -9.03 -10.77 21.20
OXT SAM F . -7.07 -11.31 20.52
CB SAM F . -8.73 -8.79 18.99
CG SAM F . -8.64 -9.76 17.81
SD SAM F . -9.88 -9.42 16.55
CE SAM F . -9.86 -10.95 15.59
C5' SAM F . -9.01 -8.25 15.46
C4' SAM F . -9.15 -6.82 15.97
O4' SAM F . -8.50 -5.92 15.07
C3' SAM F . -10.59 -6.34 16.05
O3' SAM F . -10.88 -6.01 17.39
C2' SAM F . -10.63 -5.11 15.14
O2' SAM F . -11.52 -4.08 15.56
C1' SAM F . -9.17 -4.69 15.16
N9 SAM F . -8.77 -3.87 14.03
C8 SAM F . -9.06 -4.07 12.71
N7 SAM F . -8.50 -3.06 11.99
C5 SAM F . -7.81 -2.24 12.84
C6 SAM F . -7.06 -1.09 12.63
N6 SAM F . -6.88 -0.58 11.42
N1 SAM F . -6.52 -0.46 13.71
C2 SAM F . -6.72 -1.00 14.98
N3 SAM F . -7.44 -2.14 15.19
C4 SAM F . -7.98 -2.74 14.12
C1 BME G . -15.68 -2.82 13.66
C2 BME G . -16.99 -2.58 14.41
O1 BME G . -15.17 -1.58 13.17
S2 BME G . -16.65 -1.51 15.84
C1 EDO H . -19.54 -6.12 27.45
O1 EDO H . -20.13 -7.16 26.64
C2 EDO H . -19.77 -6.30 28.95
O2 EDO H . -18.74 -5.78 29.76
#